data_8Q7O
#
_entry.id   8Q7O
#
_cell.length_a   53.659
_cell.length_b   147.475
_cell.length_c   229.727
_cell.angle_alpha   90.00
_cell.angle_beta   90.00
_cell.angle_gamma   90.00
#
_symmetry.space_group_name_H-M   'C 2 2 21'
#
loop_
_entity.id
_entity.type
_entity.pdbx_description
1 polymer 'Nanobody 14478'
2 polymer Frizzled-3
3 non-polymer 'DIMETHYL SULFOXIDE'
4 non-polymer GLYCEROL
5 non-polymer 'CITRIC ACID'
6 non-polymer 2-acetamido-2-deoxy-beta-D-glucopyranose
7 non-polymer 'SULFATE ION'
8 water water
#
loop_
_entity_poly.entity_id
_entity_poly.type
_entity_poly.pdbx_seq_one_letter_code
_entity_poly.pdbx_strand_id
1 'polypeptide(L)'
;ETGQVQLVESGGGLVQAGGSLRLSCAASGSISSINAMGWYRQAPGKQRELVAAITSGGSTNYADSVKGRFTISRDNAKNT
VYLQMNSLKPGDTAVYYCNLLYYIDYVEYDYWGQGTQVTVSSGT
;
A,B
2 'polypeptide(L)'
;ETGFSCEPITLRMCQDLPYNTTFMPNLLNHYDQQTAALAMEPFHPMVNLDCSRDFRPFLCALYAPICMEYGRVTLPCRRL
CQRAYSECSKLMEMFGVPWPEDMECSRFPDCDEPYPGTLEVLFQ
;
C,D
#
loop_
_chem_comp.id
_chem_comp.type
_chem_comp.name
_chem_comp.formula
CIT non-polymer 'CITRIC ACID' 'C6 H8 O7'
DMS non-polymer 'DIMETHYL SULFOXIDE' 'C2 H6 O S'
GOL non-polymer GLYCEROL 'C3 H8 O3'
NAG D-saccharide, beta linking 2-acetamido-2-deoxy-beta-D-glucopyranose 'C8 H15 N O6'
SO4 non-polymer 'SULFATE ION' 'O4 S -2'
#
# COMPACT_ATOMS: atom_id res chain seq x y z
N GLY A 3 44.44 -1.90 -6.38
CA GLY A 3 44.93 -2.67 -7.51
C GLY A 3 43.82 -3.15 -8.41
N GLN A 4 44.14 -4.07 -9.32
CA GLN A 4 43.13 -4.64 -10.20
C GLN A 4 42.21 -5.57 -9.42
N VAL A 5 40.97 -5.69 -9.89
CA VAL A 5 39.92 -6.39 -9.16
C VAL A 5 40.14 -7.89 -9.29
N GLN A 6 39.98 -8.60 -8.18
CA GLN A 6 40.11 -10.04 -8.13
C GLN A 6 39.05 -10.62 -7.20
N LEU A 7 38.46 -11.73 -7.63
CA LEU A 7 37.48 -12.47 -6.85
C LEU A 7 38.09 -13.81 -6.47
N VAL A 8 38.05 -14.16 -5.19
CA VAL A 8 38.60 -15.42 -4.70
C VAL A 8 37.46 -16.20 -4.04
N GLU A 9 37.23 -17.42 -4.55
CA GLU A 9 36.14 -18.25 -4.05
C GLU A 9 36.68 -19.40 -3.22
N SER A 10 35.87 -19.86 -2.28
CA SER A 10 36.26 -20.99 -1.46
C SER A 10 35.01 -21.55 -0.78
N GLY A 11 35.14 -22.77 -0.26
CA GLY A 11 34.04 -23.36 0.47
C GLY A 11 33.26 -24.43 -0.27
N GLY A 12 33.65 -24.78 -1.50
CA GLY A 12 32.95 -25.83 -2.21
C GLY A 12 33.23 -27.19 -1.59
N GLY A 13 32.76 -28.22 -2.29
CA GLY A 13 33.11 -29.57 -1.87
C GLY A 13 31.98 -30.55 -2.09
N LEU A 14 32.12 -31.69 -1.42
CA LEU A 14 31.25 -32.85 -1.57
C LEU A 14 30.48 -33.10 -0.28
N VAL A 15 29.15 -33.19 -0.39
CA VAL A 15 28.29 -33.52 0.74
C VAL A 15 27.23 -34.53 0.31
N GLN A 16 26.71 -35.25 1.30
CA GLN A 16 25.55 -36.11 1.05
C GLN A 16 24.29 -35.27 1.01
N ALA A 17 23.29 -35.76 0.27
CA ALA A 17 22.01 -35.06 0.18
C ALA A 17 21.44 -34.80 1.57
N GLY A 18 20.88 -33.61 1.74
CA GLY A 18 20.44 -33.15 3.04
C GLY A 18 21.49 -32.38 3.83
N GLY A 19 22.75 -32.46 3.43
CA GLY A 19 23.84 -31.77 4.10
C GLY A 19 23.90 -30.29 3.72
N SER A 20 24.96 -29.64 4.19
CA SER A 20 25.11 -28.20 4.03
C SER A 20 26.57 -27.85 3.70
N LEU A 21 26.73 -26.71 3.03
CA LEU A 21 28.01 -26.12 2.71
C LEU A 21 27.87 -24.60 2.77
N ARG A 22 28.98 -23.91 2.96
CA ARG A 22 29.02 -22.45 2.89
C ARG A 22 30.06 -22.02 1.87
N LEU A 23 29.62 -21.34 0.82
CA LEU A 23 30.54 -20.72 -0.13
C LEU A 23 30.86 -19.30 0.32
N SER A 24 32.08 -18.85 0.03
CA SER A 24 32.45 -17.46 0.26
C SER A 24 33.18 -16.93 -0.96
N CYS A 25 33.01 -15.64 -1.22
CA CYS A 25 33.67 -14.98 -2.35
C CYS A 25 34.16 -13.61 -1.91
N ALA A 26 35.46 -13.41 -1.96
CA ALA A 26 36.12 -12.21 -1.44
C ALA A 26 36.62 -11.39 -2.61
N ALA A 27 36.15 -10.14 -2.69
CA ALA A 27 36.54 -9.21 -3.74
C ALA A 27 37.65 -8.30 -3.23
N SER A 28 38.73 -8.20 -3.99
CA SER A 28 39.82 -7.29 -3.70
C SER A 28 39.99 -6.32 -4.86
N GLY A 29 40.70 -5.22 -4.60
CA GLY A 29 40.98 -4.22 -5.62
C GLY A 29 40.07 -3.02 -5.51
N SER A 30 40.22 -2.12 -6.48
CA SER A 30 39.51 -0.84 -6.49
C SER A 30 38.10 -1.07 -7.04
N ILE A 31 37.12 -1.14 -6.15
CA ILE A 31 35.72 -1.36 -6.53
C ILE A 31 34.85 -0.30 -5.87
N SER A 32 33.66 -0.12 -6.45
CA SER A 32 32.67 0.76 -5.84
C SER A 32 32.07 0.11 -4.60
N SER A 33 31.89 0.93 -3.55
CA SER A 33 31.28 0.40 -2.33
C SER A 33 29.78 0.16 -2.49
N ILE A 34 29.15 0.80 -3.47
CA ILE A 34 27.77 0.49 -3.81
C ILE A 34 27.81 -0.47 -4.99
N ASN A 35 27.41 -1.71 -4.76
CA ASN A 35 27.53 -2.74 -5.79
C ASN A 35 26.55 -3.86 -5.49
N ALA A 36 26.50 -4.83 -6.41
CA ALA A 36 25.75 -6.06 -6.23
C ALA A 36 26.73 -7.22 -6.34
N MET A 37 26.50 -8.23 -5.53
CA MET A 37 27.26 -9.46 -5.62
C MET A 37 26.28 -10.62 -5.69
N GLY A 38 26.60 -11.60 -6.54
CA GLY A 38 25.68 -12.66 -6.83
C GLY A 38 26.37 -14.01 -6.86
N TRP A 39 25.56 -15.04 -6.80
CA TRP A 39 26.00 -16.41 -6.99
C TRP A 39 25.23 -16.99 -8.18
N TYR A 40 25.98 -17.60 -9.10
CA TYR A 40 25.44 -18.30 -10.25
C TYR A 40 25.98 -19.72 -10.25
N ARG A 41 25.28 -20.61 -10.93
CA ARG A 41 25.74 -21.99 -11.00
C ARG A 41 25.56 -22.53 -12.40
N GLN A 42 26.46 -23.45 -12.77
CA GLN A 42 26.43 -24.07 -14.09
C GLN A 42 26.86 -25.53 -13.97
N ALA A 43 25.93 -26.46 -14.22
CA ALA A 43 26.29 -27.85 -14.34
C ALA A 43 26.85 -28.14 -15.74
N PRO A 44 27.76 -29.10 -15.87
CA PRO A 44 28.36 -29.35 -17.18
C PRO A 44 27.32 -29.69 -18.23
N GLY A 45 27.45 -29.05 -19.39
CA GLY A 45 26.52 -29.19 -20.48
C GLY A 45 25.22 -28.41 -20.35
N LYS A 46 25.01 -27.71 -19.23
CA LYS A 46 23.80 -26.94 -19.00
C LYS A 46 24.11 -25.44 -19.00
N GLN A 47 23.04 -24.65 -19.01
CA GLN A 47 23.16 -23.19 -19.01
C GLN A 47 23.42 -22.66 -17.61
N ARG A 48 24.18 -21.58 -17.54
CA ARG A 48 24.41 -20.89 -16.28
C ARG A 48 23.12 -20.26 -15.77
N GLU A 49 22.86 -20.41 -14.47
CA GLU A 49 21.60 -19.96 -13.87
C GLU A 49 21.89 -19.14 -12.62
N LEU A 50 21.10 -18.10 -12.42
CA LEU A 50 21.19 -17.30 -11.21
C LEU A 50 20.75 -18.11 -10.01
N VAL A 51 21.50 -17.98 -8.91
CA VAL A 51 21.13 -18.60 -7.64
C VAL A 51 20.59 -17.58 -6.66
N ALA A 52 21.34 -16.51 -6.40
CA ALA A 52 20.96 -15.50 -5.44
C ALA A 52 21.85 -14.28 -5.63
N ALA A 53 21.34 -13.11 -5.22
CA ALA A 53 22.08 -11.87 -5.36
C ALA A 53 21.74 -10.95 -4.18
N ILE A 54 22.66 -10.03 -3.90
CA ILE A 54 22.49 -9.12 -2.77
C ILE A 54 23.23 -7.81 -3.07
N THR A 55 22.55 -6.68 -2.86
CA THR A 55 23.22 -5.40 -2.97
C THR A 55 23.97 -5.06 -1.68
N SER A 56 24.88 -4.10 -1.79
CA SER A 56 25.53 -3.55 -0.60
C SER A 56 24.52 -2.93 0.36
N GLY A 57 23.34 -2.54 -0.13
CA GLY A 57 22.28 -2.06 0.72
C GLY A 57 21.50 -3.14 1.45
N GLY A 58 21.63 -4.39 1.02
CA GLY A 58 20.95 -5.49 1.67
C GLY A 58 19.78 -6.08 0.93
N SER A 59 19.39 -5.51 -0.23
CA SER A 59 18.32 -6.12 -1.01
C SER A 59 18.78 -7.46 -1.57
N THR A 60 17.90 -8.45 -1.52
CA THR A 60 18.23 -9.81 -1.93
C THR A 60 17.26 -10.29 -3.00
N ASN A 61 17.72 -11.26 -3.77
CA ASN A 61 16.84 -11.99 -4.69
C ASN A 61 17.33 -13.44 -4.74
N TYR A 62 16.38 -14.38 -4.75
CA TYR A 62 16.67 -15.80 -4.77
C TYR A 62 15.94 -16.47 -5.92
N ALA A 63 16.63 -17.39 -6.59
CA ALA A 63 15.95 -18.28 -7.53
C ALA A 63 14.93 -19.11 -6.76
N ASP A 64 13.80 -19.40 -7.40
CA ASP A 64 12.73 -20.14 -6.72
C ASP A 64 13.23 -21.51 -6.26
N SER A 65 14.10 -22.14 -7.03
CA SER A 65 14.59 -23.48 -6.72
C SER A 65 15.40 -23.56 -5.43
N VAL A 66 15.85 -22.42 -4.90
CA VAL A 66 16.67 -22.42 -3.70
C VAL A 66 16.02 -21.68 -2.55
N LYS A 67 14.81 -21.12 -2.74
CA LYS A 67 14.16 -20.37 -1.68
C LYS A 67 13.90 -21.28 -0.48
N GLY A 68 14.22 -20.77 0.72
CA GLY A 68 14.06 -21.54 1.94
C GLY A 68 15.20 -22.48 2.25
N ARG A 69 16.09 -22.73 1.29
CA ARG A 69 17.23 -23.62 1.51
C ARG A 69 18.55 -22.86 1.55
N PHE A 70 18.76 -21.93 0.62
CA PHE A 70 19.98 -21.16 0.55
C PHE A 70 19.74 -19.75 1.10
N THR A 71 20.78 -19.21 1.72
CA THR A 71 20.76 -17.84 2.21
C THR A 71 22.00 -17.09 1.74
N ILE A 72 21.80 -15.94 1.12
CA ILE A 72 22.92 -15.09 0.73
C ILE A 72 23.10 -14.00 1.77
N SER A 73 24.35 -13.62 2.01
CA SER A 73 24.67 -12.57 2.96
C SER A 73 26.02 -11.98 2.57
N ARG A 74 26.33 -10.81 3.14
CA ARG A 74 27.58 -10.16 2.80
C ARG A 74 28.15 -9.44 4.02
N ASP A 75 29.45 -9.19 3.96
CA ASP A 75 30.18 -8.38 4.93
C ASP A 75 30.78 -7.22 4.14
N ASN A 76 30.10 -6.07 4.17
CA ASN A 76 30.57 -4.91 3.42
C ASN A 76 31.98 -4.49 3.82
N ALA A 77 32.31 -4.63 5.10
CA ALA A 77 33.65 -4.25 5.59
C ALA A 77 34.76 -4.90 4.78
N LYS A 78 34.63 -6.20 4.48
CA LYS A 78 35.66 -6.93 3.75
C LYS A 78 35.28 -7.28 2.32
N ASN A 79 34.17 -6.73 1.80
CA ASN A 79 33.75 -6.94 0.41
C ASN A 79 33.58 -8.43 0.08
N THR A 80 32.92 -9.16 0.97
CA THR A 80 32.79 -10.61 0.83
C THR A 80 31.32 -11.00 0.83
N VAL A 81 30.97 -11.92 -0.05
CA VAL A 81 29.61 -12.45 -0.14
C VAL A 81 29.66 -13.94 0.19
N TYR A 82 28.59 -14.41 0.84
CA TYR A 82 28.50 -15.78 1.32
C TYR A 82 27.24 -16.42 0.78
N LEU A 83 27.28 -17.73 0.60
CA LEU A 83 26.10 -18.52 0.23
C LEU A 83 26.03 -19.69 1.20
N GLN A 84 25.11 -19.60 2.16
CA GLN A 84 24.85 -20.72 3.05
C GLN A 84 23.86 -21.65 2.36
N MET A 85 24.28 -22.88 2.11
CA MET A 85 23.50 -23.84 1.32
C MET A 85 23.07 -24.97 2.24
N ASN A 86 21.79 -24.97 2.64
CA ASN A 86 21.23 -26.02 3.47
C ASN A 86 20.32 -26.92 2.64
N SER A 87 20.06 -28.12 3.19
CA SER A 87 19.16 -29.09 2.58
C SER A 87 19.53 -29.35 1.11
N LEU A 88 20.81 -29.65 0.90
CA LEU A 88 21.32 -29.81 -0.45
C LEU A 88 20.74 -31.05 -1.13
N LYS A 89 20.51 -30.94 -2.43
CA LYS A 89 19.95 -31.97 -3.29
C LYS A 89 20.95 -32.29 -4.39
N PRO A 90 20.92 -33.51 -4.94
CA PRO A 90 21.78 -33.82 -6.09
C PRO A 90 21.67 -32.82 -7.21
N GLY A 91 20.48 -32.26 -7.44
CA GLY A 91 20.28 -31.27 -8.48
C GLY A 91 20.99 -29.94 -8.24
N ASP A 92 21.54 -29.73 -7.05
CA ASP A 92 22.37 -28.57 -6.77
C ASP A 92 23.82 -28.76 -7.22
N THR A 93 24.17 -29.95 -7.67
CA THR A 93 25.53 -30.22 -8.14
C THR A 93 25.85 -29.33 -9.33
N ALA A 94 26.98 -28.61 -9.23
CA ALA A 94 27.34 -27.64 -10.27
C ALA A 94 28.60 -26.91 -9.84
N VAL A 95 29.18 -26.18 -10.79
CA VAL A 95 30.17 -25.15 -10.47
C VAL A 95 29.43 -23.87 -10.13
N TYR A 96 29.75 -23.30 -8.96
CA TYR A 96 29.11 -22.08 -8.48
C TYR A 96 30.08 -20.92 -8.71
N TYR A 97 29.58 -19.87 -9.34
CA TYR A 97 30.39 -18.72 -9.67
C TYR A 97 29.90 -17.51 -8.90
N CYS A 98 30.85 -16.74 -8.38
CA CYS A 98 30.58 -15.47 -7.75
C CYS A 98 30.67 -14.37 -8.80
N ASN A 99 29.84 -13.34 -8.64
CA ASN A 99 29.80 -12.23 -9.58
C ASN A 99 29.82 -10.92 -8.81
N LEU A 100 30.43 -9.91 -9.41
CA LEU A 100 30.48 -8.57 -8.84
C LEU A 100 30.08 -7.58 -9.93
N LEU A 101 29.03 -6.81 -9.67
CA LEU A 101 28.47 -5.91 -10.67
C LEU A 101 28.29 -4.53 -10.06
N TYR A 102 28.86 -3.51 -10.69
CA TYR A 102 28.64 -2.15 -10.24
C TYR A 102 28.83 -1.18 -11.40
N TYR A 103 28.45 0.07 -11.15
CA TYR A 103 28.49 1.12 -12.14
C TYR A 103 29.24 2.32 -11.58
N ILE A 104 30.13 2.89 -12.40
CA ILE A 104 30.80 4.14 -12.09
C ILE A 104 30.53 5.10 -13.24
N ASP A 105 29.83 6.20 -12.95
CA ASP A 105 29.42 7.12 -14.00
C ASP A 105 28.73 6.37 -15.13
N TYR A 106 27.82 5.47 -14.75
CA TYR A 106 26.98 4.69 -15.65
C TYR A 106 27.76 3.74 -16.55
N VAL A 107 29.06 3.58 -16.33
CA VAL A 107 29.85 2.55 -17.00
C VAL A 107 29.78 1.28 -16.19
N GLU A 108 29.48 0.16 -16.85
CA GLU A 108 29.28 -1.11 -16.16
C GLU A 108 30.61 -1.82 -15.92
N TYR A 109 30.79 -2.33 -14.71
CA TYR A 109 31.90 -3.20 -14.35
C TYR A 109 31.30 -4.50 -13.86
N ASP A 110 31.69 -5.61 -14.49
CA ASP A 110 31.11 -6.92 -14.22
C ASP A 110 32.23 -7.95 -14.12
N TYR A 111 32.49 -8.45 -12.91
CA TYR A 111 33.59 -9.38 -12.68
C TYR A 111 33.06 -10.75 -12.23
N TRP A 112 33.79 -11.80 -12.62
CA TRP A 112 33.43 -13.18 -12.31
C TRP A 112 34.55 -13.90 -11.58
N GLY A 113 34.18 -14.68 -10.57
CA GLY A 113 35.11 -15.57 -9.93
C GLY A 113 35.44 -16.77 -10.79
N GLN A 114 36.40 -17.57 -10.30
CA GLN A 114 36.87 -18.72 -11.06
C GLN A 114 35.93 -19.91 -10.96
N GLY A 115 35.00 -19.89 -10.01
CA GLY A 115 34.11 -21.02 -9.81
C GLY A 115 34.64 -22.00 -8.79
N THR A 116 33.72 -22.60 -8.04
CA THR A 116 34.07 -23.64 -7.07
C THR A 116 33.01 -24.74 -7.18
N GLN A 117 33.46 -26.00 -7.09
CA GLN A 117 32.58 -27.14 -7.33
C GLN A 117 31.75 -27.50 -6.09
N VAL A 118 30.45 -27.70 -6.29
CA VAL A 118 29.57 -28.26 -5.26
C VAL A 118 29.03 -29.57 -5.81
N THR A 119 29.22 -30.66 -5.07
CA THR A 119 28.76 -31.96 -5.53
C THR A 119 27.96 -32.58 -4.39
N VAL A 120 26.74 -33.00 -4.70
CA VAL A 120 25.80 -33.57 -3.72
C VAL A 120 25.51 -35.01 -4.13
N SER A 121 25.96 -35.98 -3.31
CA SER A 121 25.73 -37.37 -3.63
C SER A 121 24.33 -37.80 -3.18
N SER A 122 23.84 -38.88 -3.80
CA SER A 122 22.50 -39.41 -3.54
C SER A 122 22.18 -39.55 -2.05
N GLY B 3 -37.67 -13.62 20.07
CA GLY B 3 -36.97 -12.90 19.02
C GLY B 3 -36.60 -11.48 19.43
N GLN B 4 -36.96 -11.12 20.66
CA GLN B 4 -36.65 -9.77 21.15
C GLN B 4 -35.15 -9.64 21.43
N VAL B 5 -34.59 -8.46 21.12
CA VAL B 5 -33.15 -8.23 21.21
C VAL B 5 -32.79 -7.68 22.59
N GLN B 6 -31.76 -8.25 23.20
CA GLN B 6 -31.23 -7.73 24.46
C GLN B 6 -29.73 -8.02 24.51
N LEU B 7 -28.97 -7.07 25.06
CA LEU B 7 -27.53 -7.27 25.28
C LEU B 7 -27.28 -7.40 26.78
N VAL B 8 -26.54 -8.43 27.17
CA VAL B 8 -26.24 -8.70 28.57
C VAL B 8 -24.74 -8.70 28.78
N GLU B 9 -24.28 -7.93 29.77
CA GLU B 9 -22.86 -7.70 30.02
C GLU B 9 -22.40 -8.44 31.26
N SER B 10 -21.12 -8.82 31.25
CA SER B 10 -20.50 -9.46 32.40
C SER B 10 -18.99 -9.31 32.26
N GLY B 11 -18.29 -9.64 33.35
CA GLY B 11 -16.84 -9.67 33.39
C GLY B 11 -16.20 -8.51 34.11
N GLY B 12 -16.96 -7.52 34.55
CA GLY B 12 -16.41 -6.43 35.32
C GLY B 12 -16.06 -6.84 36.74
N GLY B 13 -15.67 -5.84 37.53
CA GLY B 13 -15.34 -6.07 38.92
C GLY B 13 -14.17 -5.20 39.32
N LEU B 14 -13.47 -5.65 40.36
CA LEU B 14 -12.38 -4.91 41.00
C LEU B 14 -11.05 -5.60 40.73
N VAL B 15 -10.06 -4.84 40.28
CA VAL B 15 -8.68 -5.32 40.11
C VAL B 15 -7.72 -4.24 40.57
N GLN B 16 -6.52 -4.66 40.97
CA GLN B 16 -5.46 -3.69 41.23
C GLN B 16 -4.84 -3.23 39.92
N ALA B 17 -4.28 -2.02 39.96
CA ALA B 17 -3.62 -1.46 38.79
C ALA B 17 -2.58 -2.43 38.25
N GLY B 18 -2.52 -2.53 36.93
CA GLY B 18 -1.71 -3.50 36.25
C GLY B 18 -2.42 -4.80 35.93
N GLY B 19 -3.56 -5.05 36.57
CA GLY B 19 -4.31 -6.27 36.34
C GLY B 19 -5.12 -6.24 35.05
N SER B 20 -5.93 -7.28 34.88
CA SER B 20 -6.65 -7.51 33.64
C SER B 20 -8.07 -7.93 33.93
N LEU B 21 -8.94 -7.66 32.95
CA LEU B 21 -10.35 -8.04 33.00
C LEU B 21 -10.75 -8.41 31.58
N ARG B 22 -11.77 -9.26 31.43
CA ARG B 22 -12.36 -9.52 30.13
C ARG B 22 -13.86 -9.32 30.21
N LEU B 23 -14.36 -8.29 29.52
CA LEU B 23 -15.79 -8.04 29.45
C LEU B 23 -16.41 -8.83 28.30
N SER B 24 -17.65 -9.25 28.51
CA SER B 24 -18.41 -9.93 27.47
C SER B 24 -19.78 -9.30 27.37
N CYS B 25 -20.29 -9.21 26.15
CA CYS B 25 -21.59 -8.61 25.86
C CYS B 25 -22.26 -9.51 24.85
N ALA B 26 -23.32 -10.20 25.26
CA ALA B 26 -23.97 -11.20 24.42
C ALA B 26 -25.31 -10.66 23.97
N ALA B 27 -25.49 -10.55 22.65
CA ALA B 27 -26.74 -10.07 22.08
C ALA B 27 -27.57 -11.29 21.69
N SER B 28 -28.79 -11.36 22.19
CA SER B 28 -29.69 -12.43 21.80
C SER B 28 -30.87 -11.85 21.03
N GLY B 29 -31.58 -12.71 20.32
CA GLY B 29 -32.70 -12.28 19.52
C GLY B 29 -32.36 -12.15 18.05
N SER B 30 -33.33 -11.66 17.30
CA SER B 30 -33.25 -11.54 15.85
C SER B 30 -32.51 -10.27 15.45
N ILE B 31 -31.24 -10.39 15.05
CA ILE B 31 -30.47 -9.22 14.65
C ILE B 31 -29.88 -9.41 13.26
N SER B 32 -29.52 -8.29 12.63
CA SER B 32 -28.87 -8.32 11.33
C SER B 32 -27.43 -8.81 11.47
N SER B 33 -27.02 -9.71 10.56
CA SER B 33 -25.68 -10.28 10.62
C SER B 33 -24.59 -9.29 10.22
N ILE B 34 -24.92 -8.22 9.49
CA ILE B 34 -24.00 -7.13 9.21
C ILE B 34 -24.29 -6.02 10.21
N ASN B 35 -23.35 -5.76 11.12
CA ASN B 35 -23.60 -4.81 12.20
C ASN B 35 -22.28 -4.32 12.76
N ALA B 36 -22.37 -3.38 13.68
CA ALA B 36 -21.23 -2.92 14.46
C ALA B 36 -21.56 -3.12 15.94
N MET B 37 -20.55 -3.47 16.72
CA MET B 37 -20.70 -3.55 18.17
C MET B 37 -19.60 -2.74 18.82
N GLY B 38 -19.92 -2.05 19.92
CA GLY B 38 -18.97 -1.14 20.53
C GLY B 38 -18.92 -1.30 22.04
N TRP B 39 -17.86 -0.75 22.60
CA TRP B 39 -17.69 -0.61 24.04
C TRP B 39 -17.54 0.87 24.35
N TYR B 40 -18.31 1.33 25.33
CA TYR B 40 -18.28 2.70 25.83
C TYR B 40 -18.11 2.68 27.34
N ARG B 41 -17.64 3.79 27.89
CA ARG B 41 -17.50 3.89 29.34
C ARG B 41 -17.94 5.25 29.82
N GLN B 42 -18.43 5.29 31.06
CA GLN B 42 -18.90 6.53 31.66
C GLN B 42 -18.50 6.55 33.13
N ALA B 43 -17.63 7.47 33.50
CA ALA B 43 -17.27 7.74 34.87
C ALA B 43 -18.35 8.60 35.54
N PRO B 44 -18.50 8.52 36.86
CA PRO B 44 -19.59 9.26 37.51
C PRO B 44 -19.52 10.75 37.20
N GLY B 45 -20.66 11.31 36.79
CA GLY B 45 -20.75 12.72 36.48
C GLY B 45 -20.15 13.16 35.17
N LYS B 46 -19.56 12.26 34.40
CA LYS B 46 -18.91 12.63 33.15
C LYS B 46 -19.66 12.09 31.94
N GLN B 47 -19.24 12.55 30.78
CA GLN B 47 -19.88 12.14 29.54
C GLN B 47 -19.47 10.70 29.21
N ARG B 48 -20.39 9.97 28.59
CA ARG B 48 -20.07 8.65 28.07
C ARG B 48 -19.12 8.78 26.87
N GLU B 49 -18.12 7.91 26.83
CA GLU B 49 -17.05 8.00 25.84
C GLU B 49 -16.83 6.67 25.16
N LEU B 50 -16.53 6.74 23.86
CA LEU B 50 -16.20 5.54 23.09
C LEU B 50 -14.90 4.93 23.58
N VAL B 51 -14.88 3.60 23.71
CA VAL B 51 -13.68 2.85 24.03
C VAL B 51 -13.14 2.11 22.81
N ALA B 52 -13.99 1.33 22.13
CA ALA B 52 -13.55 0.53 20.99
C ALA B 52 -14.78 0.05 20.24
N ALA B 53 -14.59 -0.27 18.95
CA ALA B 53 -15.70 -0.70 18.13
C ALA B 53 -15.20 -1.70 17.10
N ILE B 54 -16.09 -2.57 16.63
CA ILE B 54 -15.69 -3.60 15.67
C ILE B 54 -16.88 -3.92 14.76
N THR B 55 -16.66 -3.95 13.45
CA THR B 55 -17.73 -4.36 12.56
C THR B 55 -17.83 -5.87 12.55
N SER B 56 -18.97 -6.38 12.06
CA SER B 56 -19.10 -7.82 11.89
C SER B 56 -18.05 -8.39 10.94
N GLY B 57 -17.46 -7.54 10.09
CA GLY B 57 -16.38 -7.96 9.22
C GLY B 57 -15.02 -8.05 9.89
N GLY B 58 -14.86 -7.46 11.07
CA GLY B 58 -13.60 -7.50 11.80
C GLY B 58 -12.81 -6.21 11.84
N SER B 59 -13.25 -5.16 11.16
CA SER B 59 -12.60 -3.86 11.26
C SER B 59 -12.80 -3.27 12.65
N THR B 60 -11.74 -2.70 13.22
CA THR B 60 -11.74 -2.20 14.58
C THR B 60 -11.40 -0.70 14.60
N ASN B 61 -11.82 -0.05 15.68
CA ASN B 61 -11.41 1.30 16.00
C ASN B 61 -11.24 1.38 17.50
N TYR B 62 -10.19 2.06 17.95
CA TYR B 62 -9.87 2.17 19.37
C TYR B 62 -9.69 3.62 19.78
N ALA B 63 -10.19 3.96 20.97
CA ALA B 63 -9.87 5.24 21.57
C ALA B 63 -8.37 5.30 21.83
N ASP B 64 -7.80 6.50 21.67
CA ASP B 64 -6.35 6.63 21.87
C ASP B 64 -5.96 6.22 23.30
N SER B 65 -6.80 6.52 24.28
CA SER B 65 -6.46 6.26 25.68
C SER B 65 -6.30 4.78 25.98
N VAL B 66 -6.79 3.89 25.13
CA VAL B 66 -6.71 2.46 25.42
C VAL B 66 -5.88 1.71 24.40
N LYS B 67 -5.29 2.38 23.42
CA LYS B 67 -4.53 1.68 22.39
C LYS B 67 -3.36 0.93 22.98
N GLY B 68 -3.19 -0.31 22.53
CA GLY B 68 -2.12 -1.16 23.00
C GLY B 68 -2.42 -1.89 24.30
N ARG B 69 -3.49 -1.51 25.00
CA ARG B 69 -3.88 -2.13 26.26
C ARG B 69 -5.15 -2.96 26.13
N PHE B 70 -6.16 -2.44 25.45
CA PHE B 70 -7.43 -3.13 25.26
C PHE B 70 -7.51 -3.72 23.86
N THR B 71 -8.18 -4.86 23.77
CA THR B 71 -8.45 -5.50 22.48
C THR B 71 -9.92 -5.85 22.40
N ILE B 72 -10.58 -5.39 21.33
CA ILE B 72 -11.97 -5.76 21.07
C ILE B 72 -11.99 -6.92 20.10
N SER B 73 -12.92 -7.85 20.30
CA SER B 73 -13.04 -9.00 19.43
C SER B 73 -14.49 -9.47 19.50
N ARG B 74 -14.86 -10.34 18.55
CA ARG B 74 -16.24 -10.77 18.51
C ARG B 74 -16.30 -12.21 18.05
N ASP B 75 -17.39 -12.87 18.41
CA ASP B 75 -17.74 -14.20 17.94
C ASP B 75 -19.09 -14.04 17.25
N ASN B 76 -19.08 -13.91 15.92
CA ASN B 76 -20.32 -13.72 15.17
C ASN B 76 -21.26 -14.89 15.39
N ALA B 77 -20.72 -16.11 15.50
CA ALA B 77 -21.52 -17.28 15.83
C ALA B 77 -22.32 -17.05 17.11
N LYS B 78 -21.72 -16.37 18.09
CA LYS B 78 -22.35 -16.14 19.39
C LYS B 78 -22.96 -14.75 19.49
N ASN B 79 -22.86 -13.91 18.45
CA ASN B 79 -23.35 -12.53 18.50
C ASN B 79 -22.87 -11.85 19.78
N THR B 80 -21.60 -12.08 20.12
CA THR B 80 -21.03 -11.63 21.38
C THR B 80 -19.76 -10.84 21.06
N VAL B 81 -19.59 -9.72 21.75
CA VAL B 81 -18.40 -8.89 21.60
C VAL B 81 -17.66 -8.90 22.93
N TYR B 82 -16.34 -8.85 22.87
CA TYR B 82 -15.49 -8.97 24.05
C TYR B 82 -14.56 -7.78 24.14
N LEU B 83 -14.19 -7.42 25.37
CA LEU B 83 -13.18 -6.40 25.59
C LEU B 83 -12.15 -6.97 26.57
N GLN B 84 -11.00 -7.33 26.03
CA GLN B 84 -9.86 -7.77 26.83
C GLN B 84 -9.13 -6.53 27.30
N MET B 85 -9.08 -6.34 28.61
CA MET B 85 -8.56 -5.12 29.21
C MET B 85 -7.29 -5.47 29.99
N ASN B 86 -6.13 -5.16 29.42
CA ASN B 86 -4.85 -5.42 30.08
C ASN B 86 -4.26 -4.10 30.58
N SER B 87 -3.29 -4.22 31.50
CA SER B 87 -2.56 -3.06 32.04
C SER B 87 -3.51 -1.99 32.55
N LEU B 88 -4.48 -2.39 33.36
CA LEU B 88 -5.51 -1.47 33.81
C LEU B 88 -4.93 -0.42 34.75
N LYS B 89 -5.45 0.80 34.63
CA LYS B 89 -5.06 1.96 35.42
C LYS B 89 -6.26 2.52 36.15
N PRO B 90 -6.04 3.23 37.27
CA PRO B 90 -7.16 3.88 37.97
C PRO B 90 -8.05 4.71 37.06
N GLY B 91 -7.49 5.37 36.04
CA GLY B 91 -8.28 6.17 35.11
C GLY B 91 -9.23 5.39 34.24
N ASP B 92 -9.12 4.06 34.23
CA ASP B 92 -10.07 3.20 33.52
C ASP B 92 -11.33 2.91 34.33
N THR B 93 -11.39 3.35 35.59
CA THR B 93 -12.58 3.11 36.42
C THR B 93 -13.78 3.81 35.84
N ALA B 94 -14.87 3.05 35.65
CA ALA B 94 -16.08 3.57 35.00
C ALA B 94 -17.09 2.43 34.89
N VAL B 95 -18.32 2.79 34.55
CA VAL B 95 -19.29 1.81 34.09
C VAL B 95 -19.10 1.62 32.59
N TYR B 96 -18.92 0.36 32.17
CA TYR B 96 -18.67 0.03 30.77
C TYR B 96 -19.94 -0.49 30.12
N TYR B 97 -20.29 0.06 28.96
CA TYR B 97 -21.50 -0.29 28.23
C TYR B 97 -21.12 -0.82 26.86
N CYS B 98 -21.82 -1.87 26.42
CA CYS B 98 -21.73 -2.31 25.04
C CYS B 98 -22.95 -1.87 24.23
N ASN B 99 -22.76 -1.69 22.93
CA ASN B 99 -23.88 -1.37 22.06
C ASN B 99 -23.81 -2.22 20.80
N LEU B 100 -24.97 -2.34 20.15
CA LEU B 100 -25.14 -3.05 18.90
C LEU B 100 -25.86 -2.10 17.93
N LEU B 101 -25.25 -1.85 16.79
CA LEU B 101 -25.74 -0.84 15.85
C LEU B 101 -25.84 -1.46 14.46
N TYR B 102 -27.02 -1.37 13.85
CA TYR B 102 -27.18 -1.79 12.46
C TYR B 102 -28.35 -1.03 11.84
N TYR B 103 -28.50 -1.18 10.52
CA TYR B 103 -29.51 -0.48 9.75
C TYR B 103 -30.31 -1.50 8.95
N ILE B 104 -31.63 -1.33 8.92
CA ILE B 104 -32.50 -2.13 8.06
C ILE B 104 -33.25 -1.15 7.18
N ASP B 105 -33.00 -1.21 5.88
CA ASP B 105 -33.58 -0.26 4.94
C ASP B 105 -33.35 1.16 5.46
N TYR B 106 -32.11 1.42 5.89
CA TYR B 106 -31.63 2.71 6.38
C TYR B 106 -32.30 3.18 7.67
N VAL B 107 -33.10 2.33 8.33
CA VAL B 107 -33.63 2.66 9.64
C VAL B 107 -32.66 2.15 10.70
N GLU B 108 -32.31 3.01 11.64
CA GLU B 108 -31.28 2.69 12.62
C GLU B 108 -31.83 1.87 13.78
N TYR B 109 -31.09 0.83 14.16
CA TYR B 109 -31.34 0.04 15.36
C TYR B 109 -30.11 0.15 16.24
N ASP B 110 -30.29 0.62 17.48
CA ASP B 110 -29.17 0.86 18.38
C ASP B 110 -29.56 0.32 19.75
N TYR B 111 -28.95 -0.79 20.16
CA TYR B 111 -29.26 -1.48 21.40
C TYR B 111 -28.08 -1.35 22.35
N TRP B 112 -28.38 -1.28 23.66
CA TRP B 112 -27.37 -1.11 24.69
C TRP B 112 -27.49 -2.18 25.76
N GLY B 113 -26.33 -2.69 26.21
CA GLY B 113 -26.30 -3.54 27.39
C GLY B 113 -26.59 -2.76 28.67
N GLN B 114 -26.72 -3.50 29.77
CA GLN B 114 -27.13 -2.93 31.06
C GLN B 114 -25.98 -2.25 31.82
N GLY B 115 -24.74 -2.39 31.36
CA GLY B 115 -23.61 -1.82 32.07
C GLY B 115 -22.92 -2.77 33.03
N THR B 116 -21.60 -2.65 33.15
CA THR B 116 -20.85 -3.43 34.13
C THR B 116 -19.78 -2.53 34.73
N GLN B 117 -19.65 -2.57 36.06
CA GLN B 117 -18.70 -1.69 36.73
C GLN B 117 -17.29 -2.25 36.66
N VAL B 118 -16.34 -1.40 36.30
CA VAL B 118 -14.92 -1.70 36.33
C VAL B 118 -14.27 -0.72 37.29
N THR B 119 -13.56 -1.23 38.29
CA THR B 119 -12.88 -0.41 39.26
C THR B 119 -11.43 -0.88 39.36
N VAL B 120 -10.49 0.03 39.22
CA VAL B 120 -9.07 -0.28 39.28
C VAL B 120 -8.46 0.47 40.45
N SER B 121 -8.02 -0.26 41.47
CA SER B 121 -7.47 0.37 42.65
C SER B 121 -6.00 0.74 42.45
N SER B 122 -5.52 1.68 43.25
CA SER B 122 -4.15 2.16 43.18
C SER B 122 -3.13 1.02 43.15
N GLY C 3 -3.93 29.30 -10.42
CA GLY C 3 -3.98 28.17 -11.33
C GLY C 3 -2.99 27.08 -10.99
N PHE C 4 -2.28 27.24 -9.87
CA PHE C 4 -1.34 26.24 -9.40
C PHE C 4 -1.69 25.83 -7.97
N SER C 5 -1.44 24.55 -7.69
CA SER C 5 -1.62 23.93 -6.39
C SER C 5 -0.52 22.87 -6.35
N CYS C 6 0.71 23.35 -6.18
CA CYS C 6 1.90 22.52 -6.14
C CYS C 6 2.34 22.25 -4.70
N GLU C 7 2.55 20.99 -4.39
CA GLU C 7 3.09 20.65 -3.09
C GLU C 7 4.51 20.10 -3.23
N PRO C 8 5.36 20.26 -2.22
CA PRO C 8 6.71 19.68 -2.26
C PRO C 8 6.66 18.18 -2.50
N ILE C 9 7.62 17.69 -3.26
CA ILE C 9 7.75 16.25 -3.51
C ILE C 9 8.37 15.61 -2.26
N THR C 10 7.67 14.63 -1.68
CA THR C 10 8.13 13.93 -0.49
C THR C 10 8.59 12.51 -0.76
N LEU C 11 8.46 12.00 -1.98
CA LEU C 11 8.97 10.68 -2.30
C LEU C 11 10.49 10.69 -2.20
N ARG C 12 11.05 9.74 -1.44
CA ARG C 12 12.48 9.76 -1.16
C ARG C 12 13.31 9.52 -2.41
N MET C 13 12.80 8.78 -3.39
CA MET C 13 13.59 8.52 -4.59
C MET C 13 13.43 9.61 -5.65
N CYS C 14 12.71 10.67 -5.34
CA CYS C 14 12.43 11.75 -6.30
C CYS C 14 12.82 13.09 -5.72
N GLN C 15 13.92 13.12 -4.98
CA GLN C 15 14.56 14.36 -4.54
C GLN C 15 15.67 14.73 -5.52
N ASP C 16 16.13 15.97 -5.40
CA ASP C 16 17.26 16.48 -6.19
C ASP C 16 17.03 16.27 -7.69
N LEU C 17 15.83 16.60 -8.12
CA LEU C 17 15.45 16.68 -9.52
C LEU C 17 15.53 18.13 -9.97
N PRO C 18 15.41 18.39 -11.29
CA PRO C 18 15.38 19.79 -11.73
C PRO C 18 14.17 20.56 -11.21
N TYR C 19 13.09 19.87 -10.84
CA TYR C 19 11.91 20.48 -10.25
C TYR C 19 11.72 19.87 -8.87
N ASN C 20 10.93 20.52 -8.01
CA ASN C 20 10.80 20.08 -6.63
C ASN C 20 9.37 20.05 -6.13
N THR C 21 8.38 20.21 -7.00
CA THR C 21 6.98 20.18 -6.60
C THR C 21 6.20 19.33 -7.58
N THR C 22 5.01 18.94 -7.16
CA THR C 22 4.12 18.12 -7.96
C THR C 22 2.68 18.47 -7.61
N PHE C 23 1.77 18.20 -8.54
CA PHE C 23 0.35 18.45 -8.33
C PHE C 23 -0.32 17.26 -7.66
N MET C 24 -1.05 17.54 -6.59
CA MET C 24 -1.68 16.46 -5.81
C MET C 24 -3.15 16.83 -5.65
N PRO C 25 -4.07 16.02 -6.16
CA PRO C 25 -5.49 16.24 -5.86
C PRO C 25 -5.74 16.05 -4.37
N ASN C 26 -6.57 16.93 -3.79
CA ASN C 26 -6.77 16.94 -2.35
C ASN C 26 -7.25 15.58 -1.84
N LEU C 27 -8.20 14.97 -2.54
CA LEU C 27 -8.76 13.72 -2.07
C LEU C 27 -7.73 12.62 -2.01
N LEU C 28 -6.67 12.71 -2.80
CA LEU C 28 -5.70 11.62 -2.90
C LEU C 28 -4.42 11.86 -2.13
N ASN C 29 -4.23 13.04 -1.52
CA ASN C 29 -2.97 13.30 -0.84
C ASN C 29 -2.72 12.24 0.24
N HIS C 30 -1.44 11.88 0.42
CA HIS C 30 -0.94 10.84 1.32
C HIS C 30 -1.19 9.46 0.73
N TYR C 31 -2.41 9.19 0.31
CA TYR C 31 -2.71 7.91 -0.34
C TYR C 31 -1.88 7.75 -1.60
N ASP C 32 -1.71 8.83 -2.35
CA ASP C 32 -0.92 8.78 -3.57
C ASP C 32 0.52 8.42 -3.28
N GLN C 33 1.13 9.05 -2.28
CA GLN C 33 2.52 8.75 -1.99
C GLN C 33 2.70 7.35 -1.45
N GLN C 34 1.69 6.83 -0.74
CA GLN C 34 1.75 5.44 -0.29
C GLN C 34 1.76 4.47 -1.46
N THR C 35 0.87 4.70 -2.43
CA THR C 35 0.80 3.84 -3.60
C THR C 35 2.05 4.00 -4.48
N ALA C 36 2.56 5.23 -4.59
CA ALA C 36 3.79 5.47 -5.33
C ALA C 36 4.98 4.77 -4.69
N ALA C 37 5.13 4.90 -3.37
CA ALA C 37 6.25 4.22 -2.71
C ALA C 37 6.21 2.72 -2.97
N LEU C 38 5.02 2.14 -2.94
CA LEU C 38 4.86 0.71 -3.16
C LEU C 38 5.28 0.33 -4.58
N ALA C 39 4.90 1.14 -5.57
CA ALA C 39 5.26 0.84 -6.95
C ALA C 39 6.75 1.03 -7.21
N MET C 40 7.39 1.97 -6.53
CA MET C 40 8.80 2.28 -6.78
C MET C 40 9.77 1.39 -6.01
N GLU C 41 9.32 0.78 -4.91
CA GLU C 41 10.22 0.02 -4.06
C GLU C 41 10.99 -1.09 -4.77
N PRO C 42 10.41 -1.87 -5.68
CA PRO C 42 11.20 -2.90 -6.36
C PRO C 42 12.40 -2.34 -7.11
N PHE C 43 12.34 -1.06 -7.50
CA PHE C 43 13.39 -0.42 -8.28
C PHE C 43 14.47 0.25 -7.44
N HIS C 44 14.39 0.17 -6.12
CA HIS C 44 15.40 0.87 -5.31
C HIS C 44 16.82 0.45 -5.65
N PRO C 45 17.13 -0.84 -5.89
CA PRO C 45 18.51 -1.17 -6.33
C PRO C 45 18.91 -0.51 -7.63
N MET C 46 18.00 -0.37 -8.60
CA MET C 46 18.36 0.30 -9.85
C MET C 46 18.79 1.73 -9.60
N VAL C 47 18.03 2.46 -8.78
CA VAL C 47 18.34 3.85 -8.49
C VAL C 47 19.63 3.97 -7.69
N ASN C 48 19.81 3.09 -6.69
CA ASN C 48 20.97 3.22 -5.81
C ASN C 48 22.27 2.84 -6.53
N LEU C 49 22.26 1.77 -7.32
CA LEU C 49 23.47 1.36 -8.02
C LEU C 49 23.72 2.18 -9.27
N ASP C 50 22.73 2.91 -9.77
CA ASP C 50 22.91 3.87 -10.87
C ASP C 50 23.25 3.17 -12.19
N CYS C 51 22.42 2.20 -12.58
CA CYS C 51 22.64 1.54 -13.86
C CYS C 51 22.29 2.42 -15.06
N SER C 52 21.48 3.45 -14.89
CA SER C 52 21.11 4.28 -16.03
C SER C 52 20.87 5.71 -15.59
N ARG C 53 21.42 6.66 -16.35
CA ARG C 53 21.12 8.06 -16.10
C ARG C 53 19.64 8.36 -16.28
N ASP C 54 18.97 7.56 -17.10
CA ASP C 54 17.58 7.81 -17.46
C ASP C 54 16.58 7.16 -16.53
N PHE C 55 17.01 6.28 -15.62
CA PHE C 55 16.04 5.52 -14.85
C PHE C 55 15.30 6.39 -13.84
N ARG C 56 16.03 7.11 -12.99
CA ARG C 56 15.36 7.93 -11.99
C ARG C 56 14.49 9.01 -12.62
N PRO C 57 14.92 9.73 -13.65
CA PRO C 57 13.99 10.67 -14.32
C PRO C 57 12.73 10.01 -14.82
N PHE C 58 12.84 8.81 -15.40
CA PHE C 58 11.67 8.11 -15.91
C PHE C 58 10.72 7.72 -14.78
N LEU C 59 11.25 7.10 -13.70
CA LEU C 59 10.41 6.69 -12.59
C LEU C 59 9.74 7.89 -11.93
N CYS C 60 10.50 8.96 -11.69
CA CYS C 60 9.90 10.13 -11.05
C CYS C 60 8.96 10.88 -11.99
N ALA C 61 9.11 10.74 -13.30
CA ALA C 61 8.11 11.31 -14.21
C ALA C 61 6.75 10.66 -14.00
N LEU C 62 6.74 9.36 -13.67
CA LEU C 62 5.46 8.68 -13.49
C LEU C 62 4.87 8.93 -12.11
N TYR C 63 5.72 8.94 -11.07
CA TYR C 63 5.20 8.99 -9.70
C TYR C 63 5.32 10.36 -9.03
N ALA C 64 6.16 11.25 -9.54
CA ALA C 64 6.24 12.61 -9.00
C ALA C 64 6.42 13.59 -10.16
N PRO C 65 5.44 13.67 -11.06
CA PRO C 65 5.60 14.51 -12.26
C PRO C 65 5.63 16.00 -11.92
N ILE C 66 6.24 16.75 -12.83
CA ILE C 66 6.34 18.20 -12.66
C ILE C 66 4.96 18.82 -12.50
N CYS C 67 4.86 19.81 -11.63
CA CYS C 67 3.60 20.49 -11.38
C CYS C 67 3.27 21.45 -12.52
N MET C 68 2.10 21.29 -13.12
CA MET C 68 1.65 22.10 -14.26
C MET C 68 0.43 22.92 -13.87
N GLU C 69 0.24 24.03 -14.59
CA GLU C 69 -1.00 24.78 -14.50
C GLU C 69 -2.19 23.85 -14.67
N TYR C 70 -3.19 23.99 -13.81
CA TYR C 70 -4.41 23.17 -13.83
C TYR C 70 -4.15 21.70 -13.59
N GLY C 71 -3.00 21.34 -13.02
CA GLY C 71 -2.67 19.94 -12.79
C GLY C 71 -2.60 19.10 -14.06
N ARG C 72 -2.21 19.70 -15.19
CA ARG C 72 -2.15 18.94 -16.43
C ARG C 72 -1.15 17.78 -16.33
N VAL C 73 -1.52 16.68 -17.00
CA VAL C 73 -0.71 15.48 -17.05
C VAL C 73 0.48 15.69 -17.97
N THR C 74 1.66 15.24 -17.53
CA THR C 74 2.82 15.13 -18.40
C THR C 74 3.34 13.68 -18.37
N LEU C 75 4.07 13.31 -19.41
CA LEU C 75 4.63 11.97 -19.56
C LEU C 75 6.07 12.06 -20.06
N PRO C 76 6.90 11.09 -19.68
CA PRO C 76 8.23 10.99 -20.28
C PRO C 76 8.18 10.39 -21.68
N CYS C 77 9.21 10.69 -22.47
CA CYS C 77 9.27 10.21 -23.85
C CYS C 77 9.60 8.72 -23.89
N ARG C 78 9.10 8.06 -24.95
CA ARG C 78 9.38 6.63 -25.14
C ARG C 78 10.87 6.34 -25.15
N ARG C 79 11.67 7.21 -25.77
CA ARG C 79 13.11 6.94 -25.85
C ARG C 79 13.74 6.89 -24.46
N LEU C 80 13.26 7.73 -23.54
CA LEU C 80 13.75 7.68 -22.16
C LEU C 80 13.44 6.34 -21.52
N CYS C 81 12.19 5.89 -21.65
CA CYS C 81 11.80 4.59 -21.13
C CYS C 81 12.68 3.50 -21.72
N GLN C 82 12.90 3.53 -23.04
CA GLN C 82 13.64 2.46 -23.70
C GLN C 82 15.09 2.39 -23.22
N ARG C 83 15.75 3.54 -23.08
CA ARG C 83 17.14 3.53 -22.63
C ARG C 83 17.25 3.13 -21.16
N ALA C 84 16.36 3.66 -20.32
CA ALA C 84 16.37 3.25 -18.91
C ALA C 84 16.19 1.74 -18.79
N TYR C 85 15.27 1.17 -19.58
CA TYR C 85 15.05 -0.27 -19.53
C TYR C 85 16.29 -1.05 -19.96
N SER C 86 16.82 -0.74 -21.15
CA SER C 86 17.96 -1.51 -21.66
C SER C 86 19.17 -1.38 -20.75
N GLU C 87 19.45 -0.18 -20.25
CA GLU C 87 20.66 0.01 -19.45
C GLU C 87 20.56 -0.63 -18.07
N CYS C 88 19.34 -0.78 -17.54
CA CYS C 88 19.16 -1.41 -16.24
C CYS C 88 18.67 -2.85 -16.33
N SER C 89 18.56 -3.42 -17.54
CA SER C 89 17.94 -4.74 -17.64
C SER C 89 18.80 -5.83 -17.03
N LYS C 90 20.13 -5.72 -17.11
CA LYS C 90 20.98 -6.73 -16.49
C LYS C 90 20.79 -6.77 -14.99
N LEU C 91 20.77 -5.60 -14.35
CA LEU C 91 20.60 -5.55 -12.90
C LEU C 91 19.19 -5.96 -12.48
N MET C 92 18.17 -5.54 -13.25
CA MET C 92 16.81 -5.95 -12.93
C MET C 92 16.65 -7.46 -13.00
N GLU C 93 17.25 -8.10 -14.00
CA GLU C 93 17.15 -9.55 -14.09
C GLU C 93 17.89 -10.21 -12.92
N MET C 94 19.04 -9.66 -12.54
CA MET C 94 19.80 -10.23 -11.42
C MET C 94 18.98 -10.16 -10.14
N PHE C 95 18.09 -9.17 -10.02
CA PHE C 95 17.30 -9.03 -8.82
C PHE C 95 15.84 -9.38 -9.05
N GLY C 96 15.50 -9.97 -10.18
CA GLY C 96 14.15 -10.49 -10.36
C GLY C 96 13.10 -9.41 -10.34
N VAL C 97 13.42 -8.24 -10.86
CA VAL C 97 12.51 -7.09 -10.84
C VAL C 97 11.69 -7.12 -12.12
N PRO C 98 10.39 -7.36 -12.05
CA PRO C 98 9.56 -7.36 -13.27
C PRO C 98 9.32 -5.94 -13.78
N TRP C 99 9.12 -5.84 -15.09
CA TRP C 99 8.78 -4.58 -15.74
C TRP C 99 7.26 -4.45 -15.79
N PRO C 100 6.66 -3.54 -15.03
CA PRO C 100 5.19 -3.46 -14.95
C PRO C 100 4.54 -3.16 -16.30
N GLU C 101 3.27 -3.55 -16.41
CA GLU C 101 2.48 -3.25 -17.60
C GLU C 101 2.45 -1.75 -17.88
N ASP C 102 2.27 -0.92 -16.85
CA ASP C 102 2.17 0.52 -17.10
C ASP C 102 3.52 1.17 -17.39
N MET C 103 4.60 0.40 -17.49
CA MET C 103 5.88 0.92 -17.90
C MET C 103 6.32 0.42 -19.27
N GLU C 104 5.47 -0.34 -19.97
CA GLU C 104 5.84 -0.84 -21.29
C GLU C 104 6.17 0.32 -22.21
N CYS C 105 7.38 0.34 -22.76
CA CYS C 105 7.86 1.57 -23.38
C CYS C 105 7.10 1.93 -24.65
N SER C 106 6.61 0.93 -25.39
CA SER C 106 5.87 1.22 -26.62
C SER C 106 4.62 2.06 -26.37
N ARG C 107 4.09 2.06 -25.14
CA ARG C 107 2.90 2.85 -24.80
C ARG C 107 3.20 4.34 -24.62
N PHE C 108 4.46 4.73 -24.51
CA PHE C 108 4.79 6.12 -24.21
C PHE C 108 4.94 6.94 -25.49
N PRO C 109 4.83 8.26 -25.36
CA PRO C 109 4.77 9.09 -26.57
C PRO C 109 6.08 9.12 -27.32
N ASP C 110 5.98 9.29 -28.65
CA ASP C 110 7.16 9.45 -29.48
C ASP C 110 7.82 10.79 -29.27
N CYS C 111 7.16 11.71 -28.56
CA CYS C 111 7.66 13.08 -28.38
C CYS C 111 7.92 13.76 -29.73
N ASP C 112 6.93 13.65 -30.61
CA ASP C 112 7.00 14.34 -31.89
C ASP C 112 5.72 15.09 -32.21
N GLU C 113 4.94 15.44 -31.20
CA GLU C 113 3.70 16.19 -31.43
C GLU C 113 3.98 17.69 -31.41
N PRO C 114 3.21 18.49 -32.14
CA PRO C 114 3.44 19.94 -32.11
C PRO C 114 3.25 20.51 -30.70
N TYR C 115 4.14 21.42 -30.33
CA TYR C 115 4.02 22.23 -29.12
C TYR C 115 2.57 22.69 -28.93
N PRO C 116 2.01 22.58 -27.73
CA PRO C 116 2.67 22.15 -26.48
C PRO C 116 2.63 20.64 -26.21
N GLY C 117 2.14 19.85 -27.17
CA GLY C 117 2.07 18.40 -26.95
C GLY C 117 3.43 17.79 -26.64
N THR C 118 4.46 18.20 -27.36
CA THR C 118 5.83 17.93 -27.00
C THR C 118 6.53 19.27 -26.83
N LEU C 119 7.30 19.42 -25.76
CA LEU C 119 8.03 20.66 -25.57
C LEU C 119 9.29 20.39 -24.77
N GLU C 120 10.16 21.39 -24.76
CA GLU C 120 11.35 21.41 -23.91
C GLU C 120 11.11 22.36 -22.74
N VAL C 121 11.47 21.93 -21.53
CA VAL C 121 11.46 22.80 -20.36
C VAL C 121 12.89 23.15 -20.03
N LEU C 122 13.15 24.43 -19.82
CA LEU C 122 14.47 24.92 -19.46
C LEU C 122 14.50 25.19 -17.96
N PHE C 123 15.66 24.96 -17.35
CA PHE C 123 15.85 25.18 -15.93
C PHE C 123 17.01 26.11 -15.59
N GLN C 124 17.92 26.37 -16.53
CA GLN C 124 18.99 27.35 -16.31
C GLN C 124 18.54 28.74 -16.73
N GLU D 1 -4.19 9.79 -30.23
CA GLU D 1 -5.34 10.18 -29.42
C GLU D 1 -4.96 11.23 -28.38
N THR D 2 -5.87 11.51 -27.45
CA THR D 2 -5.61 12.53 -26.44
C THR D 2 -4.76 12.00 -25.29
N GLY D 3 -4.69 10.68 -25.11
CA GLY D 3 -4.03 10.08 -23.97
C GLY D 3 -4.94 9.79 -22.78
N PHE D 4 -6.26 9.99 -22.93
CA PHE D 4 -7.24 9.76 -21.89
C PHE D 4 -8.35 8.88 -22.45
N SER D 5 -9.05 8.16 -21.59
CA SER D 5 -10.24 7.42 -22.03
C SER D 5 -11.18 7.19 -20.86
N CYS D 6 -12.35 6.64 -21.17
CA CYS D 6 -13.25 6.21 -20.11
C CYS D 6 -12.78 4.82 -19.75
N GLU D 7 -12.29 4.67 -18.54
CA GLU D 7 -11.73 3.40 -18.14
C GLU D 7 -12.68 2.68 -17.21
N PRO D 8 -12.73 1.35 -17.26
CA PRO D 8 -13.58 0.61 -16.32
C PRO D 8 -13.22 0.99 -14.89
N ILE D 9 -14.25 1.16 -14.07
CA ILE D 9 -14.04 1.46 -12.66
C ILE D 9 -13.63 0.19 -11.94
N THR D 10 -12.48 0.22 -11.29
CA THR D 10 -11.98 -0.94 -10.54
C THR D 10 -12.08 -0.76 -9.03
N LEU D 11 -12.57 0.39 -8.55
CA LEU D 11 -12.75 0.57 -7.10
C LEU D 11 -13.81 -0.40 -6.60
N ARG D 12 -13.47 -1.15 -5.54
CA ARG D 12 -14.35 -2.23 -5.12
C ARG D 12 -15.70 -1.73 -4.61
N MET D 13 -15.75 -0.51 -4.05
CA MET D 13 -17.01 0.04 -3.54
C MET D 13 -17.77 0.86 -4.57
N CYS D 14 -17.32 0.89 -5.82
CA CYS D 14 -17.99 1.67 -6.87
C CYS D 14 -18.33 0.78 -8.06
N GLN D 15 -18.73 -0.45 -7.75
CA GLN D 15 -19.31 -1.36 -8.73
C GLN D 15 -20.83 -1.23 -8.67
N ASP D 16 -21.50 -1.76 -9.70
CA ASP D 16 -22.97 -1.79 -9.74
C ASP D 16 -23.56 -0.40 -9.49
N LEU D 17 -22.99 0.59 -10.16
CA LEU D 17 -23.53 1.94 -10.26
C LEU D 17 -24.26 2.09 -11.59
N PRO D 18 -25.00 3.18 -11.79
CA PRO D 18 -25.67 3.39 -13.10
C PRO D 18 -24.70 3.55 -14.26
N TYR D 19 -23.46 3.95 -14.00
CA TYR D 19 -22.41 4.05 -14.99
C TYR D 19 -21.27 3.14 -14.55
N ASN D 20 -20.36 2.80 -15.48
CA ASN D 20 -19.33 1.84 -15.13
C ASN D 20 -17.93 2.25 -15.57
N THR D 21 -17.73 3.50 -15.96
CA THR D 21 -16.40 3.96 -16.35
C THR D 21 -16.16 5.33 -15.73
N THR D 22 -14.89 5.73 -15.71
CA THR D 22 -14.51 7.04 -15.23
C THR D 22 -13.35 7.54 -16.09
N PHE D 23 -13.20 8.86 -16.19
CA PHE D 23 -12.24 9.45 -17.12
C PHE D 23 -10.85 9.43 -16.50
N MET D 24 -9.89 8.84 -17.20
CA MET D 24 -8.54 8.61 -16.68
C MET D 24 -7.49 8.78 -17.77
N PRO D 25 -6.29 9.23 -17.41
CA PRO D 25 -5.15 9.11 -18.34
C PRO D 25 -4.86 7.63 -18.57
N ASN D 26 -4.59 7.28 -19.84
CA ASN D 26 -4.44 5.87 -20.20
C ASN D 26 -3.29 5.22 -19.46
N LEU D 27 -2.12 5.86 -19.47
CA LEU D 27 -0.94 5.24 -18.86
C LEU D 27 -0.99 5.24 -17.34
N LEU D 28 -1.68 6.20 -16.75
CA LEU D 28 -1.70 6.38 -15.29
C LEU D 28 -2.93 5.77 -14.65
N ASN D 29 -3.82 5.16 -15.46
CA ASN D 29 -5.13 4.68 -15.01
C ASN D 29 -5.05 3.77 -13.80
N HIS D 30 -4.40 2.61 -13.94
CA HIS D 30 -4.36 1.65 -12.84
C HIS D 30 -3.80 2.29 -11.58
N TYR D 31 -2.71 3.05 -11.72
CA TYR D 31 -2.14 3.74 -10.56
C TYR D 31 -3.13 4.73 -9.92
N ASP D 32 -3.79 5.54 -10.74
CA ASP D 32 -4.75 6.52 -10.23
C ASP D 32 -5.91 5.85 -9.52
N GLN D 33 -6.44 4.77 -10.12
CA GLN D 33 -7.57 4.08 -9.49
C GLN D 33 -7.15 3.32 -8.25
N GLN D 34 -5.92 2.81 -8.21
CA GLN D 34 -5.40 2.18 -7.00
C GLN D 34 -5.30 3.21 -5.87
N THR D 35 -4.83 4.42 -6.20
CA THR D 35 -4.74 5.48 -5.21
C THR D 35 -6.12 5.90 -4.72
N ALA D 36 -7.10 6.01 -5.65
CA ALA D 36 -8.46 6.35 -5.25
C ALA D 36 -9.06 5.27 -4.35
N ALA D 37 -8.87 4.00 -4.71
CA ALA D 37 -9.36 2.90 -3.88
C ALA D 37 -8.78 2.96 -2.48
N LEU D 38 -7.48 3.28 -2.37
CA LEU D 38 -6.85 3.39 -1.05
C LEU D 38 -7.46 4.53 -0.25
N ALA D 39 -7.73 5.66 -0.92
CA ALA D 39 -8.29 6.83 -0.24
C ALA D 39 -9.71 6.56 0.23
N MET D 40 -10.45 5.71 -0.49
CA MET D 40 -11.84 5.43 -0.18
C MET D 40 -11.99 4.34 0.88
N GLU D 41 -10.99 3.50 1.05
CA GLU D 41 -11.12 2.35 1.93
C GLU D 41 -11.56 2.68 3.35
N PRO D 42 -11.13 3.77 4.00
CA PRO D 42 -11.59 4.05 5.37
C PRO D 42 -13.09 4.13 5.51
N PHE D 43 -13.83 4.37 4.43
CA PHE D 43 -15.28 4.47 4.48
C PHE D 43 -15.98 3.13 4.38
N HIS D 44 -15.24 2.02 4.28
CA HIS D 44 -15.90 0.74 4.04
C HIS D 44 -16.94 0.36 5.07
N PRO D 45 -16.75 0.58 6.38
CA PRO D 45 -17.83 0.21 7.32
C PRO D 45 -19.14 0.91 7.03
N MET D 46 -19.11 2.20 6.69
CA MET D 46 -20.34 2.92 6.36
C MET D 46 -21.01 2.36 5.11
N VAL D 47 -20.22 2.05 4.09
CA VAL D 47 -20.80 1.50 2.87
C VAL D 47 -21.40 0.13 3.15
N ASN D 48 -20.69 -0.70 3.93
CA ASN D 48 -21.14 -2.07 4.18
C ASN D 48 -22.35 -2.09 5.11
N LEU D 49 -22.37 -1.26 6.14
CA LEU D 49 -23.52 -1.26 7.05
C LEU D 49 -24.71 -0.47 6.50
N ASP D 50 -24.50 0.34 5.46
CA ASP D 50 -25.60 0.96 4.74
C ASP D 50 -26.34 1.97 5.62
N CYS D 51 -25.59 2.88 6.24
CA CYS D 51 -26.25 3.90 7.03
C CYS D 51 -27.01 4.93 6.19
N SER D 52 -26.68 5.08 4.91
CA SER D 52 -27.36 6.09 4.11
C SER D 52 -27.43 5.64 2.66
N ARG D 53 -28.62 5.75 2.06
CA ARG D 53 -28.74 5.49 0.63
C ARG D 53 -27.89 6.47 -0.20
N ASP D 54 -27.58 7.63 0.35
CA ASP D 54 -26.85 8.67 -0.37
C ASP D 54 -25.34 8.56 -0.25
N PHE D 55 -24.84 7.71 0.65
CA PHE D 55 -23.41 7.72 0.97
C PHE D 55 -22.57 7.19 -0.18
N ARG D 56 -22.87 5.98 -0.65
CA ARG D 56 -22.11 5.43 -1.76
C ARG D 56 -22.22 6.26 -3.03
N PRO D 57 -23.40 6.74 -3.45
CA PRO D 57 -23.44 7.62 -4.63
C PRO D 57 -22.55 8.85 -4.47
N PHE D 58 -22.55 9.46 -3.28
CA PHE D 58 -21.73 10.64 -3.02
C PHE D 58 -20.24 10.31 -3.10
N LEU D 59 -19.79 9.28 -2.37
CA LEU D 59 -18.36 8.94 -2.41
C LEU D 59 -17.92 8.55 -3.81
N CYS D 60 -18.72 7.75 -4.50
CA CYS D 60 -18.30 7.35 -5.83
C CYS D 60 -18.33 8.50 -6.82
N ALA D 61 -19.15 9.53 -6.57
CA ALA D 61 -19.08 10.72 -7.40
C ALA D 61 -17.73 11.40 -7.29
N LEU D 62 -17.11 11.34 -6.11
CA LEU D 62 -15.82 11.99 -5.86
C LEU D 62 -14.64 11.15 -6.32
N TYR D 63 -14.69 9.82 -6.10
CA TYR D 63 -13.54 8.98 -6.39
C TYR D 63 -13.61 8.32 -7.77
N ALA D 64 -14.80 8.18 -8.35
CA ALA D 64 -14.97 7.59 -9.67
C ALA D 64 -16.14 8.25 -10.39
N PRO D 65 -16.01 9.55 -10.72
CA PRO D 65 -17.13 10.26 -11.36
C PRO D 65 -17.45 9.74 -12.75
N ILE D 66 -18.70 9.95 -13.17
CA ILE D 66 -19.14 9.52 -14.50
C ILE D 66 -18.25 10.11 -15.57
N CYS D 67 -17.96 9.33 -16.62
CA CYS D 67 -17.06 9.76 -17.68
C CYS D 67 -17.80 10.73 -18.59
N MET D 68 -17.26 11.93 -18.78
CA MET D 68 -17.89 12.95 -19.62
C MET D 68 -17.02 13.23 -20.84
N GLU D 69 -17.68 13.75 -21.89
CA GLU D 69 -16.96 14.27 -23.04
C GLU D 69 -15.89 15.26 -22.59
N TYR D 70 -14.69 15.14 -23.16
CA TYR D 70 -13.54 15.98 -22.82
C TYR D 70 -13.15 15.85 -21.35
N GLY D 71 -13.62 14.81 -20.68
CA GLY D 71 -13.30 14.64 -19.26
C GLY D 71 -13.82 15.74 -18.36
N ARG D 72 -14.96 16.36 -18.72
CA ARG D 72 -15.47 17.44 -17.89
C ARG D 72 -15.78 16.93 -16.48
N VAL D 73 -15.50 17.77 -15.50
CA VAL D 73 -15.74 17.46 -14.10
C VAL D 73 -17.23 17.48 -13.81
N THR D 74 -17.71 16.50 -13.04
CA THR D 74 -19.04 16.56 -12.49
C THR D 74 -18.96 16.49 -10.97
N LEU D 75 -20.00 17.00 -10.32
CA LEU D 75 -20.06 17.04 -8.87
C LEU D 75 -21.42 16.58 -8.38
N PRO D 76 -21.48 15.97 -7.20
CA PRO D 76 -22.76 15.70 -6.55
C PRO D 76 -23.33 16.97 -5.92
N CYS D 77 -24.65 16.96 -5.74
CA CYS D 77 -25.35 18.10 -5.17
C CYS D 77 -25.09 18.21 -3.67
N ARG D 78 -25.13 19.45 -3.17
CA ARG D 78 -24.93 19.70 -1.75
C ARG D 78 -25.91 18.90 -0.89
N ARG D 79 -27.17 18.80 -1.31
CA ARG D 79 -28.15 18.09 -0.48
C ARG D 79 -27.77 16.62 -0.30
N LEU D 80 -27.22 16.00 -1.35
CA LEU D 80 -26.75 14.62 -1.24
C LEU D 80 -25.64 14.51 -0.21
N CYS D 81 -24.67 15.41 -0.29
CA CYS D 81 -23.59 15.42 0.70
C CYS D 81 -24.16 15.55 2.10
N GLN D 82 -25.08 16.50 2.29
CA GLN D 82 -25.59 16.78 3.63
C GLN D 82 -26.33 15.58 4.22
N ARG D 83 -27.16 14.92 3.42
CA ARG D 83 -27.89 13.77 3.93
C ARG D 83 -26.97 12.58 4.19
N ALA D 84 -26.02 12.32 3.28
CA ALA D 84 -25.06 11.25 3.52
C ALA D 84 -24.29 11.50 4.81
N TYR D 85 -23.86 12.76 5.04
CA TYR D 85 -23.11 13.07 6.25
C TYR D 85 -23.96 12.86 7.50
N SER D 86 -25.16 13.44 7.50
CA SER D 86 -26.04 13.37 8.66
C SER D 86 -26.40 11.93 9.01
N GLU D 87 -26.73 11.12 8.01
CA GLU D 87 -27.17 9.77 8.27
C GLU D 87 -26.04 8.83 8.66
N CYS D 88 -24.82 9.09 8.20
CA CYS D 88 -23.70 8.20 8.51
C CYS D 88 -22.76 8.74 9.59
N SER D 89 -23.05 9.90 10.19
CA SER D 89 -22.07 10.50 11.10
C SER D 89 -21.92 9.69 12.38
N LYS D 90 -22.99 9.07 12.88
CA LYS D 90 -22.87 8.26 14.09
C LYS D 90 -21.89 7.12 13.87
N LEU D 91 -22.02 6.42 12.74
CA LEU D 91 -21.13 5.31 12.46
C LEU D 91 -19.72 5.80 12.17
N MET D 92 -19.58 6.93 11.47
CA MET D 92 -18.23 7.46 11.26
C MET D 92 -17.57 7.82 12.58
N GLU D 93 -18.33 8.39 13.51
CA GLU D 93 -17.75 8.70 14.81
C GLU D 93 -17.38 7.42 15.55
N MET D 94 -18.21 6.38 15.45
CA MET D 94 -17.92 5.14 16.14
C MET D 94 -16.64 4.49 15.62
N PHE D 95 -16.30 4.73 14.35
CA PHE D 95 -15.11 4.11 13.78
C PHE D 95 -13.98 5.10 13.53
N GLY D 96 -14.06 6.30 14.10
CA GLY D 96 -12.97 7.25 14.06
C GLY D 96 -12.63 7.71 12.66
N VAL D 97 -13.63 7.78 11.79
CA VAL D 97 -13.42 8.21 10.41
C VAL D 97 -13.78 9.70 10.33
N PRO D 98 -12.81 10.59 10.14
CA PRO D 98 -13.14 12.02 10.01
C PRO D 98 -13.72 12.32 8.64
N TRP D 99 -14.50 13.40 8.60
CA TRP D 99 -15.05 13.91 7.34
C TRP D 99 -14.00 14.83 6.73
N PRO D 100 -13.41 14.47 5.58
CA PRO D 100 -12.30 15.26 5.04
C PRO D 100 -12.73 16.69 4.74
N GLU D 101 -11.76 17.60 4.85
CA GLU D 101 -12.02 19.00 4.55
C GLU D 101 -12.54 19.15 3.12
N ASP D 102 -11.96 18.38 2.18
CA ASP D 102 -12.39 18.48 0.79
C ASP D 102 -13.75 17.84 0.54
N MET D 103 -14.42 17.33 1.58
CA MET D 103 -15.79 16.85 1.45
C MET D 103 -16.77 17.73 2.21
N GLU D 104 -16.32 18.84 2.77
CA GLU D 104 -17.24 19.73 3.46
C GLU D 104 -18.38 20.10 2.53
N CYS D 105 -19.63 19.91 3.00
CA CYS D 105 -20.73 19.94 2.06
C CYS D 105 -20.96 21.31 1.46
N SER D 106 -20.58 22.38 2.16
CA SER D 106 -20.73 23.72 1.61
C SER D 106 -19.92 23.91 0.32
N ARG D 107 -18.94 23.04 0.06
CA ARG D 107 -18.16 23.14 -1.17
C ARG D 107 -18.94 22.66 -2.39
N PHE D 108 -20.05 21.98 -2.21
CA PHE D 108 -20.75 21.41 -3.36
C PHE D 108 -21.88 22.30 -3.83
N PRO D 109 -22.26 22.19 -5.12
CA PRO D 109 -23.24 23.14 -5.67
C PRO D 109 -24.65 22.87 -5.18
N ASP D 110 -25.46 23.94 -5.20
CA ASP D 110 -26.87 23.86 -4.86
C ASP D 110 -27.70 23.15 -5.91
N CYS D 111 -27.12 22.84 -7.08
CA CYS D 111 -27.83 22.17 -8.17
C CYS D 111 -29.05 22.98 -8.60
N ASP D 112 -28.85 24.27 -8.76
CA ASP D 112 -29.90 25.14 -9.27
C ASP D 112 -29.38 26.02 -10.38
N GLU D 113 -28.32 25.58 -11.10
CA GLU D 113 -27.78 26.34 -12.21
C GLU D 113 -28.44 25.92 -13.52
N PRO D 114 -28.55 26.84 -14.48
CA PRO D 114 -29.17 26.46 -15.77
C PRO D 114 -28.40 25.35 -16.45
N TYR D 115 -29.15 24.40 -17.01
CA TYR D 115 -28.63 23.36 -17.90
C TYR D 115 -27.62 23.98 -18.86
N PRO D 116 -26.46 23.35 -19.05
CA PRO D 116 -26.04 22.05 -18.54
C PRO D 116 -25.35 22.11 -17.16
N GLY D 117 -25.35 23.29 -16.53
CA GLY D 117 -24.72 23.41 -15.21
C GLY D 117 -25.32 22.46 -14.19
N THR D 118 -26.64 22.38 -14.13
CA THR D 118 -27.33 21.32 -13.40
C THR D 118 -28.18 20.56 -14.41
N LEU D 119 -28.14 19.24 -14.36
CA LEU D 119 -28.98 18.47 -15.26
C LEU D 119 -29.35 17.13 -14.62
N GLU D 120 -30.33 16.49 -15.23
CA GLU D 120 -30.75 15.14 -14.88
C GLU D 120 -30.19 14.18 -15.93
N VAL D 121 -29.60 13.07 -15.47
CA VAL D 121 -29.19 12.00 -16.37
C VAL D 121 -30.16 10.84 -16.21
N LEU D 122 -30.65 10.31 -17.32
CA LEU D 122 -31.54 9.17 -17.31
C LEU D 122 -30.76 7.89 -17.62
N PHE D 123 -31.18 6.77 -16.99
CA PHE D 123 -30.59 5.46 -17.20
C PHE D 123 -31.70 4.45 -17.50
N GLN D 124 -31.52 3.64 -18.54
CA GLN D 124 -32.54 2.68 -18.96
C GLN D 124 -32.56 1.40 -18.15
S DMS E . 34.97 -5.57 -16.64
O DMS E . 33.56 -5.24 -17.05
C1 DMS E . 36.12 -4.87 -17.86
C2 DMS E . 35.30 -7.34 -16.87
C1 GOL F . -10.73 9.18 26.74
O1 GOL F . -11.80 8.49 27.27
C2 GOL F . -10.77 8.96 25.22
O2 GOL F . -11.81 9.60 24.64
C3 GOL F . -9.41 9.56 24.80
O3 GOL F . -8.97 8.77 23.75
C1 CIT G . -25.19 9.10 20.32
O1 CIT G . -26.01 9.10 19.39
O2 CIT G . -25.56 9.42 21.47
C2 CIT G . -23.75 8.71 20.06
C3 CIT G . -23.47 7.50 20.93
O7 CIT G . -24.69 7.32 21.72
C4 CIT G . -23.19 6.26 20.10
C5 CIT G . -24.47 5.63 19.61
O3 CIT G . -25.57 6.21 19.83
O4 CIT G . -24.42 4.53 18.99
C6 CIT G . -22.25 7.82 21.80
O5 CIT G . -21.36 8.51 21.26
O6 CIT G . -22.14 7.45 23.01
C1 NAG H . 11.83 24.70 -5.24
C2 NAG H . 12.29 25.45 -4.00
C3 NAG H . 12.01 26.94 -4.15
C4 NAG H . 12.62 27.48 -5.44
C5 NAG H . 12.13 26.67 -6.63
C6 NAG H . 12.75 27.08 -7.95
C7 NAG H . 12.24 24.13 -1.92
C8 NAG H . 11.41 23.72 -0.75
N2 NAG H . 11.64 24.94 -2.80
O3 NAG H . 12.53 27.65 -3.02
O4 NAG H . 12.24 28.84 -5.62
O5 NAG H . 12.44 25.28 -6.42
O6 NAG H . 14.14 26.83 -8.02
O7 NAG H . 13.40 23.77 -2.05
S SO4 I . 19.31 -1.18 -2.03
O1 SO4 I . 20.51 -0.93 -2.81
O2 SO4 I . 18.14 -1.14 -2.89
O3 SO4 I . 19.40 -2.49 -1.40
O4 SO4 I . 19.20 -0.18 -0.97
C1 GOL J . -0.89 12.77 -8.68
O1 GOL J . -1.79 12.05 -9.51
C2 GOL J . 0.38 13.01 -9.55
O2 GOL J . 0.36 14.21 -10.28
C3 GOL J . 1.58 12.83 -8.52
O3 GOL J . 1.70 13.94 -7.70
S DMS K . 20.89 9.69 -10.54
O DMS K . 20.75 10.89 -9.66
C1 DMS K . 19.89 9.92 -12.04
C2 DMS K . 20.08 8.26 -9.77
C1 GOL L . -10.58 9.75 3.45
O1 GOL L . -9.69 9.15 2.51
C2 GOL L . -10.53 8.91 4.75
O2 GOL L . -9.30 8.87 5.37
C3 GOL L . -11.74 9.42 5.64
O3 GOL L . -11.36 10.48 6.44
C1 NAG M . -20.53 -0.65 -19.17
C2 NAG M . -20.36 -2.06 -19.73
C3 NAG M . -20.51 -2.05 -21.24
C4 NAG M . -21.85 -1.43 -21.63
C5 NAG M . -21.99 -0.04 -21.00
C6 NAG M . -23.34 0.59 -21.26
C7 NAG M . -18.95 -3.81 -18.73
C8 NAG M . -20.22 -4.55 -18.47
N2 NAG M . -19.08 -2.61 -19.34
O3 NAG M . -20.42 -3.38 -21.74
O4 NAG M . -21.94 -1.30 -23.04
O5 NAG M . -21.81 -0.13 -19.58
O6 NAG M . -24.29 0.29 -20.24
O7 NAG M . -17.86 -4.26 -18.41
S SO4 N . -20.87 18.80 6.68
O1 SO4 N . -19.74 19.21 5.85
O2 SO4 N . -22.06 19.58 6.33
O3 SO4 N . -20.56 19.01 8.08
O4 SO4 N . -21.12 17.39 6.43
S SO4 O . -27.62 25.46 2.51
O1 SO4 O . -29.07 25.57 2.41
O2 SO4 O . -27.09 25.04 1.22
O3 SO4 O . -27.04 26.75 2.88
O4 SO4 O . -27.27 24.47 3.53
#